data_2MVA
#
_entry.id   2MVA
#
_entity_poly.entity_id   1
_entity_poly.type   'polypeptide(L)'
_entity_poly.pdbx_seq_one_letter_code
;LNNPCNGVTCPSGYRCSIVDKQCIKKE
;
_entity_poly.pdbx_strand_id   A
#
# COMPACT_ATOMS: atom_id res chain seq x y z
N LEU A 1 -4.48 -12.81 -0.01
CA LEU A 1 -4.26 -12.73 1.45
C LEU A 1 -3.57 -11.43 1.85
N ASN A 2 -2.43 -11.14 1.22
CA ASN A 2 -1.64 -9.98 1.62
C ASN A 2 -1.81 -8.83 0.62
N ASN A 3 -2.95 -8.79 -0.05
CA ASN A 3 -3.25 -7.68 -0.94
C ASN A 3 -3.44 -6.39 -0.13
N PRO A 4 -4.26 -6.40 0.94
CA PRO A 4 -4.31 -5.29 1.89
C PRO A 4 -3.03 -5.25 2.72
N CYS A 5 -2.54 -4.05 2.99
CA CYS A 5 -1.27 -3.87 3.67
C CYS A 5 -1.29 -4.51 5.05
N ASN A 6 -0.19 -5.18 5.41
CA ASN A 6 -0.11 -5.95 6.64
C ASN A 6 0.24 -5.07 7.84
N GLY A 7 0.14 -3.76 7.66
CA GLY A 7 0.44 -2.83 8.73
C GLY A 7 -0.35 -1.55 8.60
N VAL A 8 0.08 -0.68 7.71
CA VAL A 8 -0.61 0.58 7.46
C VAL A 8 -1.87 0.33 6.63
N THR A 9 -2.82 1.25 6.68
CA THR A 9 -4.02 1.14 5.86
C THR A 9 -3.94 2.05 4.64
N CYS A 10 -3.95 1.45 3.46
CA CYS A 10 -3.95 2.22 2.23
C CYS A 10 -5.35 2.76 1.93
N PRO A 11 -5.44 4.08 1.71
CA PRO A 11 -6.70 4.78 1.46
C PRO A 11 -7.47 4.26 0.24
N SER A 12 -6.76 3.69 -0.70
CA SER A 12 -7.37 3.14 -1.89
C SER A 12 -6.83 1.73 -2.14
N GLY A 13 -7.51 0.98 -2.99
CA GLY A 13 -7.18 -0.42 -3.19
C GLY A 13 -6.11 -0.62 -4.23
N TYR A 14 -5.01 0.10 -4.10
CA TYR A 14 -3.87 -0.09 -4.98
C TYR A 14 -2.86 -1.04 -4.38
N ARG A 15 -1.64 -0.57 -4.15
CA ARG A 15 -0.60 -1.43 -3.65
C ARG A 15 0.16 -0.77 -2.51
N CYS A 16 0.82 -1.58 -1.72
CA CYS A 16 1.47 -1.11 -0.51
C CYS A 16 2.95 -0.96 -0.76
N SER A 17 3.37 0.25 -1.09
CA SER A 17 4.76 0.53 -1.40
C SER A 17 5.57 0.65 -0.12
N ILE A 18 5.47 -0.36 0.74
CA ILE A 18 6.07 -0.33 2.07
C ILE A 18 7.60 -0.24 1.98
N VAL A 19 8.13 -0.57 0.81
CA VAL A 19 9.56 -0.51 0.60
C VAL A 19 10.01 0.92 0.35
N ASP A 20 9.18 1.66 -0.35
CA ASP A 20 9.44 3.05 -0.69
C ASP A 20 8.88 3.99 0.38
N LYS A 21 7.62 3.77 0.73
CA LYS A 21 6.93 4.58 1.72
C LYS A 21 5.74 3.79 2.27
N GLN A 22 4.59 4.43 2.47
CA GLN A 22 3.40 3.71 2.89
C GLN A 22 2.58 3.26 1.67
N CYS A 23 1.86 4.21 1.09
CA CYS A 23 1.00 3.93 -0.05
C CYS A 23 1.40 4.79 -1.24
N ILE A 24 1.32 4.21 -2.44
CA ILE A 24 1.76 4.90 -3.65
C ILE A 24 0.76 5.92 -4.19
N LYS A 25 -0.48 5.82 -3.73
CA LYS A 25 -1.57 6.69 -4.18
C LYS A 25 -1.76 6.62 -5.70
N LYS A 26 -1.43 5.48 -6.31
CA LYS A 26 -1.58 5.33 -7.75
C LYS A 26 -2.96 4.77 -8.07
N GLU A 27 -3.82 5.63 -8.58
CA GLU A 27 -5.16 5.24 -8.97
C GLU A 27 -5.38 5.58 -10.43
N LEU A 1 -5.32 -4.01 -9.86
CA LEU A 1 -5.59 -3.08 -8.74
C LEU A 1 -6.33 -3.82 -7.63
N ASN A 2 -6.87 -3.06 -6.67
CA ASN A 2 -7.63 -3.62 -5.56
C ASN A 2 -6.77 -4.61 -4.76
N ASN A 3 -5.71 -4.11 -4.18
CA ASN A 3 -4.81 -4.95 -3.39
C ASN A 3 -5.04 -4.71 -1.90
N PRO A 4 -5.70 -5.67 -1.22
CA PRO A 4 -5.92 -5.59 0.22
C PRO A 4 -4.66 -5.88 1.02
N CYS A 5 -3.70 -4.97 0.92
CA CYS A 5 -2.43 -5.10 1.62
C CYS A 5 -2.49 -4.39 2.96
N ASN A 6 -1.81 -4.93 3.95
CA ASN A 6 -1.80 -4.33 5.28
C ASN A 6 -0.55 -3.49 5.49
N GLY A 7 -0.74 -2.33 6.08
CA GLY A 7 0.35 -1.43 6.37
C GLY A 7 -0.03 -0.42 7.42
N VAL A 8 0.51 0.79 7.32
CA VAL A 8 0.12 1.85 8.24
C VAL A 8 -1.27 2.38 7.90
N THR A 9 -1.40 2.95 6.71
CA THR A 9 -2.68 3.45 6.22
C THR A 9 -2.68 3.50 4.69
N CYS A 10 -2.92 2.35 4.08
CA CYS A 10 -3.08 2.26 2.63
C CYS A 10 -4.41 1.60 2.32
N PRO A 11 -5.25 2.23 1.48
CA PRO A 11 -6.52 1.64 1.06
C PRO A 11 -6.30 0.55 0.03
N SER A 12 -7.33 -0.22 -0.23
CA SER A 12 -7.22 -1.38 -1.09
C SER A 12 -7.62 -1.03 -2.51
N GLY A 13 -7.24 0.17 -2.91
CA GLY A 13 -7.51 0.63 -4.25
C GLY A 13 -6.35 0.31 -5.18
N TYR A 14 -5.15 0.69 -4.78
CA TYR A 14 -3.98 0.46 -5.57
C TYR A 14 -3.13 -0.68 -5.00
N ARG A 15 -2.02 -0.33 -4.36
CA ARG A 15 -1.16 -1.30 -3.74
C ARG A 15 -0.43 -0.63 -2.59
N CYS A 16 0.23 -1.42 -1.77
CA CYS A 16 0.95 -0.88 -0.64
C CYS A 16 2.41 -0.72 -1.00
N SER A 17 2.93 0.47 -0.81
CA SER A 17 4.31 0.76 -1.13
C SER A 17 5.14 0.78 0.15
N ILE A 18 4.85 -0.16 1.05
CA ILE A 18 5.42 -0.18 2.39
C ILE A 18 6.94 -0.34 2.36
N VAL A 19 7.44 -0.86 1.26
CA VAL A 19 8.87 -1.06 1.09
C VAL A 19 9.58 0.25 0.77
N ASP A 20 8.92 1.08 -0.01
CA ASP A 20 9.46 2.37 -0.43
C ASP A 20 9.05 3.49 0.52
N LYS A 21 7.76 3.53 0.87
CA LYS A 21 7.20 4.58 1.71
C LYS A 21 5.88 4.10 2.31
N GLN A 22 4.93 5.02 2.50
CA GLN A 22 3.60 4.66 2.90
C GLN A 22 2.86 3.93 1.78
N CYS A 23 2.25 4.69 0.89
CA CYS A 23 1.49 4.15 -0.21
C CYS A 23 1.92 4.87 -1.48
N ILE A 24 1.47 4.39 -2.62
CA ILE A 24 1.88 4.97 -3.88
C ILE A 24 0.89 5.98 -4.42
N LYS A 25 -0.33 5.99 -3.85
CA LYS A 25 -1.39 6.91 -4.25
C LYS A 25 -1.67 6.81 -5.75
N LYS A 26 -1.48 5.61 -6.31
CA LYS A 26 -1.67 5.38 -7.74
C LYS A 26 -3.16 5.24 -8.06
N GLU A 27 -3.84 6.36 -8.17
CA GLU A 27 -5.25 6.35 -8.49
C GLU A 27 -5.49 6.86 -9.91
N LEU A 1 -7.21 -3.27 -8.40
CA LEU A 1 -5.91 -3.78 -7.92
C LEU A 1 -6.10 -4.62 -6.67
N ASN A 2 -5.32 -5.67 -6.53
CA ASN A 2 -5.39 -6.55 -5.37
C ASN A 2 -4.02 -6.73 -4.75
N ASN A 3 -3.65 -5.83 -3.86
CA ASN A 3 -2.37 -5.91 -3.17
C ASN A 3 -2.56 -5.80 -1.67
N PRO A 4 -3.00 -6.90 -1.03
CA PRO A 4 -3.23 -6.92 0.41
C PRO A 4 -1.94 -7.12 1.20
N CYS A 5 -1.33 -6.02 1.61
CA CYS A 5 -0.10 -6.09 2.41
C CYS A 5 -0.42 -6.50 3.83
N ASN A 6 -1.67 -6.21 4.24
CA ASN A 6 -2.23 -6.68 5.50
C ASN A 6 -1.46 -6.14 6.69
N GLY A 7 -0.85 -4.98 6.51
CA GLY A 7 -0.11 -4.34 7.59
C GLY A 7 -0.42 -2.87 7.68
N VAL A 8 -0.06 -2.13 6.65
CA VAL A 8 -0.39 -0.72 6.58
C VAL A 8 -1.72 -0.53 5.87
N THR A 9 -2.56 0.34 6.42
CA THR A 9 -3.86 0.59 5.84
C THR A 9 -3.78 1.73 4.82
N CYS A 10 -3.84 1.37 3.55
CA CYS A 10 -3.82 2.35 2.48
C CYS A 10 -5.21 2.96 2.27
N PRO A 11 -5.24 4.28 2.04
CA PRO A 11 -6.50 5.05 1.83
C PRO A 11 -7.32 4.53 0.65
N SER A 12 -6.65 3.86 -0.27
CA SER A 12 -7.32 3.26 -1.41
C SER A 12 -6.75 1.87 -1.65
N GLY A 13 -7.50 1.04 -2.36
CA GLY A 13 -7.13 -0.34 -2.53
C GLY A 13 -6.20 -0.54 -3.71
N TYR A 14 -5.15 0.26 -3.78
CA TYR A 14 -4.14 0.10 -4.81
C TYR A 14 -3.02 -0.83 -4.35
N ARG A 15 -1.87 -0.25 -4.05
CA ARG A 15 -0.71 -1.03 -3.69
C ARG A 15 -0.08 -0.45 -2.45
N CYS A 16 0.52 -1.32 -1.65
CA CYS A 16 1.20 -0.88 -0.44
C CYS A 16 2.66 -0.62 -0.77
N SER A 17 3.03 0.65 -0.71
CA SER A 17 4.35 1.07 -1.12
C SER A 17 5.32 0.95 0.06
N ILE A 18 5.34 -0.21 0.70
CA ILE A 18 6.13 -0.42 1.91
C ILE A 18 7.62 -0.33 1.60
N VAL A 19 7.96 -0.43 0.33
CA VAL A 19 9.35 -0.33 -0.11
C VAL A 19 9.79 1.13 -0.15
N ASP A 20 8.88 2.00 -0.59
CA ASP A 20 9.14 3.43 -0.65
C ASP A 20 8.73 4.11 0.66
N LYS A 21 7.43 4.13 0.91
CA LYS A 21 6.85 4.78 2.07
C LYS A 21 5.67 3.95 2.59
N GLN A 22 4.48 4.53 2.74
CA GLN A 22 3.31 3.75 3.12
C GLN A 22 2.53 3.26 1.89
N CYS A 23 2.08 4.20 1.05
CA CYS A 23 1.22 3.87 -0.09
C CYS A 23 1.64 4.67 -1.32
N ILE A 24 1.34 4.16 -2.50
CA ILE A 24 1.82 4.77 -3.75
C ILE A 24 0.89 5.85 -4.30
N LYS A 25 -0.36 5.86 -3.85
CA LYS A 25 -1.37 6.77 -4.41
C LYS A 25 -1.33 6.76 -5.93
N LYS A 26 -1.46 5.58 -6.51
CA LYS A 26 -1.36 5.42 -7.95
C LYS A 26 -2.16 4.20 -8.41
N GLU A 27 -3.04 4.40 -9.37
CA GLU A 27 -3.82 3.31 -9.92
C GLU A 27 -3.64 3.24 -11.42
N LEU A 1 10.50 -1.62 12.28
CA LEU A 1 9.67 -0.50 11.78
C LEU A 1 8.90 -0.92 10.53
N ASN A 2 9.49 -1.81 9.73
CA ASN A 2 8.86 -2.26 8.50
C ASN A 2 7.59 -3.04 8.78
N ASN A 3 6.56 -2.78 7.99
CA ASN A 3 5.30 -3.47 8.11
C ASN A 3 4.84 -3.97 6.75
N PRO A 4 4.09 -5.08 6.71
CA PRO A 4 3.51 -5.58 5.48
C PRO A 4 2.25 -4.80 5.10
N CYS A 5 1.71 -5.06 3.92
CA CYS A 5 0.46 -4.43 3.51
C CYS A 5 -0.67 -4.91 4.41
N ASN A 6 -0.53 -6.14 4.89
CA ASN A 6 -1.47 -6.71 5.86
C ASN A 6 -1.15 -6.19 7.26
N GLY A 7 -1.17 -4.87 7.38
CA GLY A 7 -0.92 -4.23 8.66
C GLY A 7 -1.45 -2.82 8.66
N VAL A 8 -0.76 -1.95 7.93
CA VAL A 8 -1.25 -0.60 7.71
C VAL A 8 -2.08 -0.55 6.43
N THR A 9 -3.34 -0.18 6.58
CA THR A 9 -4.24 -0.10 5.44
C THR A 9 -4.07 1.23 4.71
N CYS A 10 -3.92 1.16 3.40
CA CYS A 10 -3.80 2.35 2.58
C CYS A 10 -5.18 2.89 2.22
N PRO A 11 -5.28 4.21 1.94
CA PRO A 11 -6.54 4.85 1.55
C PRO A 11 -7.27 4.10 0.44
N SER A 12 -6.72 4.17 -0.77
CA SER A 12 -7.29 3.44 -1.89
C SER A 12 -6.72 2.02 -1.94
N GLY A 13 -7.39 1.15 -2.69
CA GLY A 13 -7.01 -0.25 -2.73
C GLY A 13 -6.01 -0.54 -3.83
N TYR A 14 -4.94 0.22 -3.87
CA TYR A 14 -3.87 -0.01 -4.83
C TYR A 14 -2.84 -1.00 -4.28
N ARG A 15 -1.71 -0.50 -3.81
CA ARG A 15 -0.72 -1.37 -3.21
C ARG A 15 0.04 -0.64 -2.11
N CYS A 16 0.54 -1.41 -1.16
CA CYS A 16 1.27 -0.85 -0.04
C CYS A 16 2.75 -0.86 -0.35
N SER A 17 3.24 0.26 -0.83
CA SER A 17 4.63 0.39 -1.21
C SER A 17 5.52 0.66 0.00
N ILE A 18 5.29 -0.07 1.09
CA ILE A 18 5.98 0.15 2.36
C ILE A 18 7.51 0.10 2.21
N VAL A 19 7.95 -0.46 1.10
CA VAL A 19 9.37 -0.55 0.81
C VAL A 19 9.90 0.80 0.31
N ASP A 20 9.06 1.49 -0.45
CA ASP A 20 9.33 2.84 -0.92
C ASP A 20 8.76 3.87 0.06
N LYS A 21 7.45 4.03 0.06
CA LYS A 21 6.74 4.90 0.98
C LYS A 21 5.36 4.31 1.24
N GLN A 22 4.72 4.73 2.33
CA GLN A 22 3.50 4.07 2.85
C GLN A 22 2.54 3.62 1.74
N CYS A 23 2.09 4.56 0.91
CA CYS A 23 1.17 4.23 -0.17
C CYS A 23 1.59 4.95 -1.44
N ILE A 24 1.47 4.26 -2.58
CA ILE A 24 1.94 4.80 -3.85
C ILE A 24 0.98 5.82 -4.45
N LYS A 25 -0.26 5.81 -3.97
CA LYS A 25 -1.32 6.67 -4.49
C LYS A 25 -1.47 6.54 -6.00
N LYS A 26 -1.27 5.32 -6.51
CA LYS A 26 -1.36 5.09 -7.94
C LYS A 26 -2.81 4.75 -8.29
N GLU A 27 -3.53 5.73 -8.80
CA GLU A 27 -4.91 5.54 -9.20
C GLU A 27 -4.94 5.17 -10.69
N LEU A 1 8.81 -9.76 -3.86
CA LEU A 1 8.04 -9.29 -2.68
C LEU A 1 6.84 -10.19 -2.43
N ASN A 2 5.96 -10.29 -3.43
CA ASN A 2 4.71 -11.04 -3.30
C ASN A 2 3.90 -10.50 -2.14
N ASN A 3 3.46 -9.26 -2.28
CA ASN A 3 2.73 -8.59 -1.22
C ASN A 3 1.42 -8.02 -1.75
N PRO A 4 0.30 -8.73 -1.49
CA PRO A 4 -1.04 -8.25 -1.84
C PRO A 4 -1.53 -7.20 -0.85
N CYS A 5 -0.64 -6.91 0.11
CA CYS A 5 -0.88 -5.94 1.17
C CYS A 5 -1.90 -6.48 2.16
N ASN A 6 -1.44 -6.61 3.38
CA ASN A 6 -2.23 -7.23 4.44
C ASN A 6 -1.80 -6.70 5.81
N GLY A 7 -1.61 -5.40 5.88
CA GLY A 7 -1.19 -4.77 7.12
C GLY A 7 -1.49 -3.28 7.11
N VAL A 8 -1.17 -2.63 6.01
CA VAL A 8 -1.42 -1.21 5.86
C VAL A 8 -2.80 -0.96 5.27
N THR A 9 -3.74 -0.56 6.10
CA THR A 9 -5.08 -0.22 5.64
C THR A 9 -5.05 1.19 5.06
N CYS A 10 -4.79 1.27 3.76
CA CYS A 10 -4.59 2.54 3.09
C CYS A 10 -5.92 3.06 2.52
N PRO A 11 -6.06 4.39 2.31
CA PRO A 11 -7.27 5.01 1.76
C PRO A 11 -7.81 4.27 0.55
N SER A 12 -7.13 4.42 -0.59
CA SER A 12 -7.50 3.70 -1.78
C SER A 12 -6.87 2.31 -1.76
N GLY A 13 -7.52 1.36 -2.38
CA GLY A 13 -7.05 -0.01 -2.35
C GLY A 13 -6.05 -0.29 -3.44
N TYR A 14 -5.03 0.55 -3.51
CA TYR A 14 -3.96 0.33 -4.46
C TYR A 14 -2.96 -0.70 -3.94
N ARG A 15 -1.84 -0.23 -3.42
CA ARG A 15 -0.85 -1.10 -2.84
C ARG A 15 -0.04 -0.34 -1.82
N CYS A 16 0.62 -1.05 -0.93
CA CYS A 16 1.43 -0.41 0.08
C CYS A 16 2.89 -0.55 -0.30
N SER A 17 3.45 0.55 -0.76
CA SER A 17 4.80 0.56 -1.29
C SER A 17 5.81 0.60 -0.15
N ILE A 18 5.79 -0.41 0.70
CA ILE A 18 6.66 -0.48 1.88
C ILE A 18 8.13 -0.34 1.49
N VAL A 19 8.41 -0.56 0.22
CA VAL A 19 9.75 -0.43 -0.32
C VAL A 19 10.10 1.05 -0.55
N ASP A 20 9.11 1.78 -1.03
CA ASP A 20 9.24 3.21 -1.32
C ASP A 20 8.79 4.07 -0.13
N LYS A 21 7.49 4.09 0.12
CA LYS A 21 6.90 4.86 1.21
C LYS A 21 5.54 4.25 1.59
N GLN A 22 4.89 4.81 2.61
CA GLN A 22 3.66 4.22 3.17
C GLN A 22 2.67 3.77 2.09
N CYS A 23 2.38 4.64 1.14
CA CYS A 23 1.50 4.31 0.03
C CYS A 23 1.89 5.09 -1.21
N ILE A 24 1.55 4.53 -2.36
CA ILE A 24 1.97 5.06 -3.65
C ILE A 24 0.98 6.08 -4.21
N LYS A 25 -0.27 5.97 -3.81
CA LYS A 25 -1.36 6.74 -4.39
C LYS A 25 -1.39 6.56 -5.91
N LYS A 26 -1.11 5.34 -6.36
CA LYS A 26 -1.06 5.04 -7.78
C LYS A 26 -2.14 4.01 -8.11
N GLU A 27 -2.33 3.75 -9.40
CA GLU A 27 -3.32 2.78 -9.82
C GLU A 27 -2.75 1.37 -9.71
N LEU A 1 11.20 -9.10 3.19
CA LEU A 1 10.02 -8.19 3.13
C LEU A 1 9.33 -8.27 1.77
N ASN A 2 8.82 -9.46 1.45
CA ASN A 2 8.08 -9.68 0.21
C ASN A 2 6.74 -10.32 0.55
N ASN A 3 6.20 -9.94 1.70
CA ASN A 3 4.98 -10.54 2.20
C ASN A 3 3.79 -9.62 1.91
N PRO A 4 2.58 -10.19 1.79
CA PRO A 4 1.35 -9.43 1.55
C PRO A 4 1.16 -8.32 2.57
N CYS A 5 0.67 -7.18 2.11
CA CYS A 5 0.51 -6.00 2.97
C CYS A 5 -0.51 -6.24 4.07
N ASN A 6 -0.06 -6.03 5.30
CA ASN A 6 -0.93 -6.15 6.47
C ASN A 6 -0.36 -5.31 7.60
N GLY A 7 -0.38 -4.00 7.41
CA GLY A 7 0.12 -3.08 8.40
C GLY A 7 -0.42 -1.68 8.19
N VAL A 8 0.21 -0.94 7.30
CA VAL A 8 -0.27 0.38 6.95
C VAL A 8 -1.52 0.26 6.07
N THR A 9 -2.62 0.83 6.54
CA THR A 9 -3.86 0.79 5.80
C THR A 9 -3.86 1.84 4.69
N CYS A 10 -3.76 1.38 3.45
CA CYS A 10 -3.76 2.28 2.32
C CYS A 10 -5.18 2.73 1.96
N PRO A 11 -5.35 4.02 1.62
CA PRO A 11 -6.66 4.58 1.26
C PRO A 11 -7.33 3.82 0.13
N SER A 12 -6.78 3.92 -1.07
CA SER A 12 -7.32 3.26 -2.24
C SER A 12 -6.86 1.80 -2.28
N GLY A 13 -7.51 1.00 -3.12
CA GLY A 13 -7.22 -0.42 -3.16
C GLY A 13 -6.14 -0.78 -4.15
N TYR A 14 -5.05 -0.01 -4.13
CA TYR A 14 -3.92 -0.30 -5.00
C TYR A 14 -2.94 -1.25 -4.34
N ARG A 15 -1.82 -0.73 -3.89
CA ARG A 15 -0.82 -1.56 -3.21
C ARG A 15 -0.09 -0.74 -2.15
N CYS A 16 0.46 -1.43 -1.17
CA CYS A 16 1.20 -0.79 -0.10
C CYS A 16 2.65 -0.67 -0.50
N SER A 17 3.09 0.55 -0.78
CA SER A 17 4.46 0.80 -1.17
C SER A 17 5.33 0.90 0.08
N ILE A 18 5.25 -0.11 0.94
CA ILE A 18 5.96 -0.11 2.22
C ILE A 18 7.47 -0.13 2.01
N VAL A 19 7.88 -0.47 0.79
CA VAL A 19 9.29 -0.50 0.44
C VAL A 19 9.81 0.91 0.18
N ASP A 20 8.95 1.72 -0.41
CA ASP A 20 9.27 3.12 -0.70
C ASP A 20 8.83 4.02 0.45
N LYS A 21 7.55 3.93 0.80
CA LYS A 21 6.98 4.70 1.88
C LYS A 21 5.74 3.97 2.43
N GLN A 22 4.60 4.63 2.45
CA GLN A 22 3.36 4.00 2.88
C GLN A 22 2.62 3.39 1.70
N CYS A 23 2.15 4.25 0.81
CA CYS A 23 1.35 3.83 -0.32
C CYS A 23 1.82 4.59 -1.56
N ILE A 24 1.57 4.00 -2.72
CA ILE A 24 2.05 4.55 -3.99
C ILE A 24 1.11 5.60 -4.57
N LYS A 25 -0.11 5.64 -4.03
CA LYS A 25 -1.16 6.53 -4.51
C LYS A 25 -1.38 6.40 -6.02
N LYS A 26 -1.47 5.16 -6.51
CA LYS A 26 -1.77 4.94 -7.92
C LYS A 26 -3.26 5.07 -8.17
N GLU A 27 -3.78 6.26 -7.94
CA GLU A 27 -5.19 6.54 -8.11
C GLU A 27 -5.46 6.93 -9.56
N LEU A 1 4.99 -8.78 14.14
CA LEU A 1 4.39 -9.08 12.83
C LEU A 1 4.52 -7.87 11.90
N ASN A 2 4.78 -8.13 10.64
CA ASN A 2 4.91 -7.08 9.63
C ASN A 2 4.33 -7.57 8.32
N ASN A 3 3.99 -6.66 7.44
CA ASN A 3 3.40 -7.04 6.16
C ASN A 3 3.78 -6.05 5.07
N PRO A 4 3.85 -6.52 3.82
CA PRO A 4 4.03 -5.65 2.66
C PRO A 4 2.73 -4.92 2.31
N CYS A 5 1.65 -5.68 2.14
CA CYS A 5 0.35 -5.09 1.83
C CYS A 5 -0.76 -6.01 2.33
N ASN A 6 -0.50 -6.67 3.43
CA ASN A 6 -1.46 -7.62 4.01
C ASN A 6 -2.34 -6.93 5.04
N GLY A 7 -2.49 -5.63 4.90
CA GLY A 7 -3.30 -4.86 5.80
C GLY A 7 -3.78 -3.58 5.16
N VAL A 8 -5.01 -3.20 5.44
CA VAL A 8 -5.58 -1.99 4.86
C VAL A 8 -5.10 -0.76 5.61
N THR A 9 -3.90 -0.32 5.28
CA THR A 9 -3.33 0.90 5.83
C THR A 9 -3.16 1.92 4.72
N CYS A 10 -4.04 1.83 3.76
CA CYS A 10 -4.00 2.68 2.58
C CYS A 10 -5.40 3.10 2.17
N PRO A 11 -5.54 4.37 1.74
CA PRO A 11 -6.81 4.97 1.32
C PRO A 11 -7.48 4.20 0.19
N SER A 12 -6.67 3.49 -0.58
CA SER A 12 -7.16 2.68 -1.68
C SER A 12 -6.42 1.37 -1.71
N GLY A 13 -7.03 0.34 -2.28
CA GLY A 13 -6.42 -0.97 -2.32
C GLY A 13 -5.52 -1.15 -3.53
N TYR A 14 -4.70 -0.14 -3.80
CA TYR A 14 -3.76 -0.22 -4.90
C TYR A 14 -2.52 -1.01 -4.50
N ARG A 15 -1.46 -0.33 -4.10
CA ARG A 15 -0.25 -1.03 -3.68
C ARG A 15 0.33 -0.41 -2.45
N CYS A 16 0.62 -1.25 -1.49
CA CYS A 16 1.19 -0.82 -0.24
C CYS A 16 2.70 -0.76 -0.40
N SER A 17 3.18 0.36 -0.91
CA SER A 17 4.60 0.53 -1.19
C SER A 17 5.36 0.87 0.09
N ILE A 18 5.05 0.14 1.16
CA ILE A 18 5.64 0.36 2.47
C ILE A 18 7.14 0.09 2.44
N VAL A 19 7.55 -0.63 1.41
CA VAL A 19 8.97 -0.95 1.21
C VAL A 19 9.69 0.26 0.61
N ASP A 20 8.98 1.01 -0.21
CA ASP A 20 9.52 2.20 -0.85
C ASP A 20 9.34 3.42 0.04
N LYS A 21 8.09 3.63 0.45
CA LYS A 21 7.71 4.78 1.25
C LYS A 21 6.38 4.50 1.96
N GLN A 22 5.40 5.39 1.79
CA GLN A 22 4.05 5.14 2.27
C GLN A 22 3.31 4.32 1.23
N CYS A 23 2.08 4.68 0.91
CA CYS A 23 1.37 4.03 -0.18
C CYS A 23 1.56 4.85 -1.46
N ILE A 24 1.46 4.20 -2.61
CA ILE A 24 1.87 4.81 -3.88
C ILE A 24 0.84 5.78 -4.46
N LYS A 25 -0.36 5.83 -3.89
CA LYS A 25 -1.42 6.74 -4.35
C LYS A 25 -1.52 6.78 -5.87
N LYS A 26 -1.81 5.63 -6.48
CA LYS A 26 -1.94 5.55 -7.92
C LYS A 26 -3.28 4.95 -8.32
N GLU A 27 -4.35 5.51 -7.78
CA GLU A 27 -5.71 5.08 -8.13
C GLU A 27 -6.65 6.28 -8.11
N LEU A 1 -9.19 -10.24 -3.88
CA LEU A 1 -7.79 -10.57 -4.23
C LEU A 1 -6.89 -10.41 -3.02
N ASN A 2 -6.44 -11.52 -2.46
CA ASN A 2 -5.60 -11.49 -1.27
C ASN A 2 -4.14 -11.56 -1.65
N ASN A 3 -3.76 -10.73 -2.62
CA ASN A 3 -2.37 -10.66 -3.08
C ASN A 3 -1.50 -10.06 -1.98
N PRO A 4 -0.19 -10.39 -2.00
CA PRO A 4 0.77 -9.90 -1.00
C PRO A 4 1.00 -8.39 -1.06
N CYS A 5 0.02 -7.63 -0.63
CA CYS A 5 0.15 -6.19 -0.53
C CYS A 5 0.88 -5.85 0.76
N ASN A 6 0.47 -6.49 1.85
CA ASN A 6 1.12 -6.34 3.15
C ASN A 6 1.21 -4.88 3.57
N GLY A 7 0.05 -4.22 3.62
CA GLY A 7 0.01 -2.84 4.03
C GLY A 7 -1.36 -2.41 4.47
N VAL A 8 -1.47 -1.95 5.71
CA VAL A 8 -2.74 -1.44 6.22
C VAL A 8 -2.86 0.06 5.98
N THR A 9 -1.70 0.70 5.81
CA THR A 9 -1.67 2.14 5.61
C THR A 9 -1.80 2.49 4.13
N CYS A 10 -3.01 2.38 3.64
CA CYS A 10 -3.30 2.64 2.24
C CYS A 10 -4.73 3.14 2.06
N PRO A 11 -4.90 4.42 1.69
CA PRO A 11 -6.22 5.02 1.48
C PRO A 11 -7.04 4.30 0.41
N SER A 12 -6.34 3.74 -0.58
CA SER A 12 -6.99 2.99 -1.64
C SER A 12 -6.35 1.61 -1.74
N GLY A 13 -7.06 0.68 -2.36
CA GLY A 13 -6.57 -0.69 -2.46
C GLY A 13 -5.76 -0.91 -3.71
N TYR A 14 -4.81 -0.02 -3.97
CA TYR A 14 -3.92 -0.17 -5.12
C TYR A 14 -2.73 -1.08 -4.79
N ARG A 15 -1.61 -0.48 -4.46
CA ARG A 15 -0.41 -1.26 -4.11
C ARG A 15 0.24 -0.68 -2.88
N CYS A 16 0.59 -1.54 -1.96
CA CYS A 16 1.06 -1.12 -0.67
C CYS A 16 2.55 -0.86 -0.73
N SER A 17 2.91 0.37 -0.98
CA SER A 17 4.30 0.75 -1.10
C SER A 17 4.92 0.93 0.28
N ILE A 18 4.70 -0.06 1.14
CA ILE A 18 5.24 -0.04 2.50
C ILE A 18 6.75 -0.14 2.46
N VAL A 19 7.26 -0.58 1.31
CA VAL A 19 8.68 -0.72 1.10
C VAL A 19 9.32 0.64 0.82
N ASP A 20 8.59 1.51 0.13
CA ASP A 20 9.07 2.85 -0.15
C ASP A 20 8.61 3.83 0.93
N LYS A 21 7.32 3.78 1.25
CA LYS A 21 6.72 4.63 2.26
C LYS A 21 5.43 3.98 2.78
N GLN A 22 4.31 4.67 2.65
CA GLN A 22 3.01 4.10 3.00
C GLN A 22 2.36 3.44 1.78
N CYS A 23 1.90 4.22 0.81
CA CYS A 23 1.27 3.67 -0.37
C CYS A 23 1.54 4.57 -1.59
N ILE A 24 1.27 4.05 -2.79
CA ILE A 24 1.75 4.69 -4.03
C ILE A 24 0.76 5.70 -4.64
N LYS A 25 -0.43 5.82 -4.04
CA LYS A 25 -1.44 6.78 -4.48
C LYS A 25 -1.75 6.69 -5.98
N LYS A 26 -1.66 5.51 -6.56
CA LYS A 26 -1.98 5.33 -7.97
C LYS A 26 -3.24 4.51 -8.13
N GLU A 27 -4.38 5.19 -8.07
CA GLU A 27 -5.67 4.52 -8.13
C GLU A 27 -6.17 4.48 -9.57
N LEU A 1 -6.60 -7.38 -6.01
CA LEU A 1 -5.18 -7.78 -6.17
C LEU A 1 -4.36 -7.32 -4.98
N ASN A 2 -4.24 -8.19 -3.98
CA ASN A 2 -3.55 -7.85 -2.74
C ASN A 2 -2.15 -8.47 -2.71
N ASN A 3 -1.61 -8.79 -3.89
CA ASN A 3 -0.28 -9.39 -3.97
C ASN A 3 0.79 -8.50 -3.31
N PRO A 4 0.92 -7.21 -3.68
CA PRO A 4 1.92 -6.32 -3.13
C PRO A 4 1.41 -5.56 -1.89
N CYS A 5 0.83 -6.29 -0.96
CA CYS A 5 0.36 -5.70 0.29
C CYS A 5 -0.11 -6.77 1.26
N ASN A 6 0.35 -6.69 2.50
CA ASN A 6 -0.09 -7.60 3.55
C ASN A 6 -0.68 -6.79 4.71
N GLY A 7 -0.72 -5.49 4.52
CA GLY A 7 -1.24 -4.60 5.53
C GLY A 7 -1.84 -3.36 4.91
N VAL A 8 -3.15 -3.35 4.76
CA VAL A 8 -3.85 -2.27 4.06
C VAL A 8 -3.95 -1.02 4.92
N THR A 9 -2.84 -0.30 5.01
CA THR A 9 -2.80 0.97 5.70
C THR A 9 -2.90 2.10 4.69
N CYS A 10 -3.51 1.75 3.57
CA CYS A 10 -3.62 2.65 2.43
C CYS A 10 -5.04 3.17 2.27
N PRO A 11 -5.15 4.46 1.90
CA PRO A 11 -6.43 5.14 1.65
C PRO A 11 -7.22 4.50 0.51
N SER A 12 -6.50 3.86 -0.40
CA SER A 12 -7.13 3.25 -1.56
C SER A 12 -6.54 1.85 -1.77
N GLY A 13 -7.28 1.00 -2.47
CA GLY A 13 -6.89 -0.38 -2.60
C GLY A 13 -5.94 -0.63 -3.77
N TYR A 14 -4.92 0.21 -3.89
CA TYR A 14 -3.89 -0.01 -4.90
C TYR A 14 -2.86 -1.01 -4.42
N ARG A 15 -1.71 -0.55 -4.00
CA ARG A 15 -0.70 -1.42 -3.44
C ARG A 15 0.01 -0.69 -2.32
N CYS A 16 0.64 -1.45 -1.44
CA CYS A 16 1.18 -0.89 -0.23
C CYS A 16 2.68 -0.84 -0.34
N SER A 17 3.18 0.28 -0.79
CA SER A 17 4.58 0.46 -1.05
C SER A 17 5.36 0.72 0.23
N ILE A 18 5.03 -0.02 1.29
CA ILE A 18 5.62 0.16 2.62
C ILE A 18 7.15 0.08 2.55
N VAL A 19 7.64 -0.51 1.47
CA VAL A 19 9.06 -0.63 1.25
C VAL A 19 9.65 0.70 0.76
N ASP A 20 8.90 1.39 -0.08
CA ASP A 20 9.30 2.68 -0.62
C ASP A 20 8.77 3.82 0.27
N LYS A 21 7.46 4.03 0.21
CA LYS A 21 6.76 4.95 1.10
C LYS A 21 5.35 4.41 1.31
N GLN A 22 4.70 4.80 2.40
CA GLN A 22 3.47 4.13 2.88
C GLN A 22 2.52 3.70 1.76
N CYS A 23 2.14 4.61 0.87
CA CYS A 23 1.26 4.24 -0.24
C CYS A 23 1.69 4.95 -1.52
N ILE A 24 1.50 4.27 -2.66
CA ILE A 24 1.98 4.79 -3.94
C ILE A 24 1.01 5.76 -4.60
N LYS A 25 -0.20 5.86 -4.06
CA LYS A 25 -1.21 6.81 -4.55
C LYS A 25 -1.61 6.54 -6.00
N LYS A 26 -1.37 5.33 -6.51
CA LYS A 26 -1.68 5.05 -7.91
C LYS A 26 -3.02 4.34 -8.03
N GLU A 27 -4.10 5.11 -8.00
CA GLU A 27 -5.44 4.57 -8.12
C GLU A 27 -6.09 5.07 -9.40
N LEU A 1 4.44 -7.18 8.68
CA LEU A 1 3.31 -6.79 7.80
C LEU A 1 2.17 -7.79 7.93
N ASN A 2 0.96 -7.27 8.08
CA ASN A 2 -0.24 -8.10 8.10
C ASN A 2 -0.75 -8.27 6.68
N ASN A 3 -1.08 -9.51 6.31
CA ASN A 3 -1.57 -9.82 4.97
C ASN A 3 -0.48 -9.61 3.91
N PRO A 4 -0.71 -10.04 2.66
CA PRO A 4 0.20 -9.73 1.54
C PRO A 4 0.51 -8.23 1.46
N CYS A 5 -0.50 -7.42 1.73
CA CYS A 5 -0.34 -5.98 1.75
C CYS A 5 -0.79 -5.43 3.09
N ASN A 6 0.02 -4.55 3.67
CA ASN A 6 -0.28 -3.96 4.97
C ASN A 6 -0.61 -2.48 4.81
N GLY A 7 -1.67 -2.21 4.08
CA GLY A 7 -2.08 -0.83 3.86
C GLY A 7 -3.06 -0.36 4.91
N VAL A 8 -2.61 -0.30 6.15
CA VAL A 8 -3.46 0.08 7.27
C VAL A 8 -3.83 1.57 7.19
N THR A 9 -3.09 2.31 6.38
CA THR A 9 -3.36 3.72 6.17
C THR A 9 -3.57 3.97 4.68
N CYS A 10 -4.11 2.95 4.03
CA CYS A 10 -4.30 2.99 2.59
C CYS A 10 -5.68 2.44 2.23
N PRO A 11 -6.34 3.04 1.23
CA PRO A 11 -7.67 2.63 0.75
C PRO A 11 -7.71 1.22 0.16
N SER A 12 -6.53 0.60 0.09
CA SER A 12 -6.36 -0.74 -0.46
C SER A 12 -6.91 -0.82 -1.88
N GLY A 13 -6.79 0.28 -2.59
CA GLY A 13 -7.20 0.32 -3.98
C GLY A 13 -6.04 -0.01 -4.89
N TYR A 14 -4.91 0.61 -4.63
CA TYR A 14 -3.69 0.34 -5.37
C TYR A 14 -2.88 -0.76 -4.69
N ARG A 15 -1.84 -0.37 -3.97
CA ARG A 15 -1.00 -1.30 -3.24
C ARG A 15 -0.23 -0.54 -2.17
N CYS A 16 0.51 -1.26 -1.35
CA CYS A 16 1.28 -0.64 -0.28
C CYS A 16 2.76 -0.73 -0.60
N SER A 17 3.32 0.38 -1.03
CA SER A 17 4.72 0.46 -1.36
C SER A 17 5.55 0.60 -0.09
N ILE A 18 5.44 -0.39 0.79
CA ILE A 18 6.15 -0.39 2.07
C ILE A 18 7.67 -0.42 1.83
N VAL A 19 8.04 -0.76 0.60
CA VAL A 19 9.42 -0.78 0.20
C VAL A 19 9.91 0.64 -0.07
N ASP A 20 9.02 1.46 -0.60
CA ASP A 20 9.31 2.85 -0.90
C ASP A 20 8.95 3.77 0.27
N LYS A 21 7.69 3.68 0.69
CA LYS A 21 7.18 4.45 1.82
C LYS A 21 6.00 3.72 2.43
N GLN A 22 4.85 4.38 2.59
CA GLN A 22 3.65 3.69 3.05
C GLN A 22 2.84 3.16 1.87
N CYS A 23 2.42 4.04 0.98
CA CYS A 23 1.65 3.65 -0.20
C CYS A 23 1.96 4.60 -1.35
N ILE A 24 1.67 4.12 -2.55
CA ILE A 24 2.12 4.78 -3.78
C ILE A 24 1.12 5.80 -4.32
N LYS A 25 -0.09 5.79 -3.78
CA LYS A 25 -1.14 6.71 -4.18
C LYS A 25 -1.43 6.66 -5.69
N LYS A 26 -1.31 5.47 -6.29
CA LYS A 26 -1.63 5.31 -7.70
C LYS A 26 -3.14 5.17 -7.90
N GLU A 27 -3.86 6.28 -7.70
CA GLU A 27 -5.30 6.28 -7.80
C GLU A 27 -5.76 7.54 -8.52
#